data_6EE9
#
_entry.id   6EE9
#
_entity_poly.entity_id   1
_entity_poly.type   'polypeptide(L)'
_entity_poly.pdbx_seq_one_letter_code
;FGVRVGTCPSGYVRRGTFCFPDDDY
;
_entity_poly.pdbx_strand_id   X
#
# COMPACT_ATOMS: atom_id res chain seq x y z
N PHE A 1 23.85 1.55 4.19
CA PHE A 1 22.63 1.95 4.93
C PHE A 1 21.52 2.34 3.95
N GLY A 2 20.27 2.09 4.35
CA GLY A 2 19.12 2.41 3.53
C GLY A 2 17.92 2.89 4.34
N VAL A 3 17.03 3.61 3.67
CA VAL A 3 15.82 4.14 4.32
C VAL A 3 14.55 3.80 3.53
N ARG A 4 13.64 3.07 4.18
CA ARG A 4 12.39 2.66 3.55
C ARG A 4 11.19 3.19 4.34
N VAL A 5 10.18 3.67 3.60
CA VAL A 5 8.96 4.22 4.21
C VAL A 5 7.72 3.79 3.43
N GLY A 6 6.82 3.07 4.12
CA GLY A 6 5.59 2.60 3.50
C GLY A 6 4.50 2.31 4.51
N THR A 7 3.25 2.26 4.03
CA THR A 7 2.10 1.98 4.90
C THR A 7 1.67 0.52 4.80
N CYS A 8 1.63 0.00 3.57
CA CYS A 8 1.24 -1.39 3.32
C CYS A 8 2.43 -2.23 2.87
N PRO A 9 2.47 -3.56 3.20
CA PRO A 9 3.59 -4.46 2.80
C PRO A 9 3.71 -4.65 1.28
N SER A 10 4.85 -5.19 0.84
CA SER A 10 5.13 -5.43 -0.60
C SER A 10 4.12 -6.41 -1.21
N GLY A 11 3.71 -6.09 -2.44
CA GLY A 11 2.73 -6.93 -3.15
C GLY A 11 1.34 -6.32 -3.12
N TYR A 12 1.26 -5.00 -3.24
CA TYR A 12 0.00 -4.26 -3.22
C TYR A 12 -0.07 -3.24 -4.35
N VAL A 13 -1.28 -2.76 -4.65
CA VAL A 13 -1.48 -1.76 -5.71
C VAL A 13 -1.61 -0.37 -5.09
N ARG A 14 -0.54 0.42 -5.19
CA ARG A 14 -0.50 1.78 -4.63
C ARG A 14 -0.73 2.80 -5.75
N ARG A 15 -1.97 3.31 -5.84
CA ARG A 15 -2.33 4.30 -6.86
C ARG A 15 -3.42 5.22 -6.35
N GLY A 16 -3.22 6.53 -6.55
CA GLY A 16 -4.19 7.54 -6.08
C GLY A 16 -4.06 7.85 -4.60
N THR A 17 -2.80 7.78 -4.09
CA THR A 17 -2.45 8.04 -2.68
C THR A 17 -3.12 7.05 -1.70
N PHE A 18 -3.56 5.89 -2.22
CA PHE A 18 -4.20 4.85 -1.40
C PHE A 18 -3.70 3.46 -1.78
N CYS A 19 -3.59 2.58 -0.78
CA CYS A 19 -3.13 1.20 -1.00
C CYS A 19 -4.27 0.21 -0.73
N PHE A 20 -4.61 -0.59 -1.74
CA PHE A 20 -5.69 -1.57 -1.62
C PHE A 20 -5.23 -2.99 -2.05
N PRO A 21 -5.95 -4.08 -1.64
CA PRO A 21 -5.58 -5.46 -2.03
C PRO A 21 -6.09 -5.86 -3.41
N ASP A 22 -5.19 -6.45 -4.19
CA ASP A 22 -5.50 -6.89 -5.56
C ASP A 22 -4.45 -7.93 -6.00
N ASP A 23 -3.17 -7.56 -5.88
CA ASP A 23 -2.05 -8.43 -6.26
C ASP A 23 -1.58 -9.28 -5.06
N ASP A 24 -2.17 -9.03 -3.88
CA ASP A 24 -1.83 -9.76 -2.66
C ASP A 24 -2.79 -10.93 -2.44
N TYR A 25 -4.08 -10.68 -2.66
CA TYR A 25 -5.12 -11.71 -2.48
C TYR A 25 -5.79 -12.03 -3.82
N PHE A 1 9.86 8.56 18.78
CA PHE A 1 10.08 7.55 17.70
C PHE A 1 9.67 8.11 16.34
N GLY A 2 10.38 7.69 15.29
CA GLY A 2 10.09 8.14 13.95
C GLY A 2 10.39 7.08 12.90
N VAL A 3 9.60 7.09 11.82
CA VAL A 3 9.77 6.13 10.72
C VAL A 3 9.58 6.80 9.35
N ARG A 4 10.51 6.51 8.44
CA ARG A 4 10.47 7.08 7.08
C ARG A 4 10.61 5.99 6.03
N VAL A 5 9.84 6.14 4.93
CA VAL A 5 9.83 5.18 3.80
C VAL A 5 9.30 3.80 4.23
N GLY A 6 8.26 3.34 3.56
CA GLY A 6 7.65 2.05 3.86
C GLY A 6 6.39 2.18 4.70
N THR A 7 5.26 2.36 4.02
CA THR A 7 3.97 2.50 4.69
C THR A 7 3.06 1.30 4.43
N CYS A 8 2.93 0.92 3.15
CA CYS A 8 2.12 -0.21 2.73
C CYS A 8 2.97 -1.48 2.60
N PRO A 9 2.37 -2.70 2.86
CA PRO A 9 3.10 -3.98 2.75
C PRO A 9 3.53 -4.32 1.32
N SER A 10 4.44 -5.29 1.18
CA SER A 10 4.96 -5.72 -0.13
C SER A 10 3.97 -6.65 -0.84
N GLY A 11 3.70 -6.32 -2.12
CA GLY A 11 2.77 -7.11 -2.92
C GLY A 11 1.37 -6.52 -2.93
N TYR A 12 1.29 -5.19 -3.04
CA TYR A 12 0.02 -4.47 -3.05
C TYR A 12 -0.02 -3.44 -4.18
N VAL A 13 -1.22 -2.90 -4.45
CA VAL A 13 -1.38 -1.90 -5.53
C VAL A 13 -1.50 -0.50 -4.93
N ARG A 14 -0.42 0.29 -5.10
CA ARG A 14 -0.36 1.67 -4.57
C ARG A 14 -0.65 2.68 -5.68
N ARG A 15 -1.91 3.17 -5.72
CA ARG A 15 -2.32 4.14 -6.73
C ARG A 15 -3.43 5.05 -6.19
N GLY A 16 -3.28 6.36 -6.42
CA GLY A 16 -4.26 7.34 -5.94
C GLY A 16 -4.06 7.71 -4.48
N THR A 17 -2.83 7.49 -3.97
CA THR A 17 -2.45 7.78 -2.56
C THR A 17 -3.13 6.81 -1.57
N PHE A 18 -3.59 5.65 -2.08
CA PHE A 18 -4.24 4.63 -1.25
C PHE A 18 -3.83 3.22 -1.68
N CYS A 19 -3.54 2.37 -0.70
CA CYS A 19 -3.14 0.99 -0.96
C CYS A 19 -4.28 0.03 -0.68
N PHE A 20 -4.68 -0.75 -1.69
CA PHE A 20 -5.76 -1.71 -1.55
C PHE A 20 -5.35 -3.10 -2.10
N PRO A 21 -6.10 -4.22 -1.77
CA PRO A 21 -5.77 -5.56 -2.27
C PRO A 21 -6.27 -5.79 -3.70
N ASP A 22 -5.36 -6.32 -4.53
CA ASP A 22 -5.66 -6.61 -5.94
C ASP A 22 -4.60 -7.59 -6.49
N ASP A 23 -3.32 -7.22 -6.31
CA ASP A 23 -2.20 -8.05 -6.76
C ASP A 23 -1.74 -9.02 -5.67
N ASP A 24 -2.34 -8.90 -4.46
CA ASP A 24 -2.00 -9.76 -3.33
C ASP A 24 -2.94 -10.96 -3.24
N TYR A 25 -4.24 -10.71 -3.43
CA TYR A 25 -5.27 -11.77 -3.37
C TYR A 25 -6.13 -11.74 -4.63
N PHE A 1 9.59 13.72 -2.86
CA PHE A 1 8.75 13.45 -1.66
C PHE A 1 9.07 14.45 -0.55
N GLY A 2 8.01 14.89 0.15
CA GLY A 2 8.17 15.84 1.24
C GLY A 2 7.93 15.20 2.60
N VAL A 3 6.73 14.66 2.79
CA VAL A 3 6.36 14.01 4.05
C VAL A 3 5.64 12.67 3.81
N ARG A 4 5.88 11.72 4.71
CA ARG A 4 5.27 10.39 4.61
C ARG A 4 4.33 10.13 5.77
N VAL A 5 3.17 9.52 5.47
CA VAL A 5 2.16 9.21 6.49
C VAL A 5 1.53 7.83 6.26
N GLY A 6 1.28 7.50 4.99
CA GLY A 6 0.69 6.23 4.64
C GLY A 6 1.71 5.25 4.07
N THR A 7 1.78 4.07 4.68
CA THR A 7 2.71 3.02 4.24
C THR A 7 2.04 1.64 4.25
N CYS A 8 2.26 0.88 3.17
CA CYS A 8 1.68 -0.46 3.03
C CYS A 8 2.76 -1.50 2.69
N PRO A 9 2.60 -2.79 3.13
CA PRO A 9 3.58 -3.86 2.86
C PRO A 9 3.72 -4.18 1.35
N SER A 10 4.79 -4.92 1.02
CA SER A 10 5.08 -5.31 -0.37
C SER A 10 4.09 -6.35 -0.89
N GLY A 11 3.73 -6.22 -2.17
CA GLY A 11 2.78 -7.14 -2.79
C GLY A 11 1.37 -6.55 -2.85
N TYR A 12 1.30 -5.22 -3.00
CA TYR A 12 0.02 -4.51 -3.07
C TYR A 12 0.03 -3.47 -4.19
N VAL A 13 -1.15 -2.96 -4.55
CA VAL A 13 -1.26 -1.95 -5.62
C VAL A 13 -1.40 -0.57 -4.98
N ARG A 14 -0.36 0.26 -5.15
CA ARG A 14 -0.33 1.61 -4.59
C ARG A 14 -0.69 2.64 -5.66
N ARG A 15 -1.95 3.10 -5.65
CA ARG A 15 -2.43 4.09 -6.62
C ARG A 15 -3.55 4.93 -6.01
N GLY A 16 -3.49 6.25 -6.22
CA GLY A 16 -4.48 7.16 -5.70
C GLY A 16 -4.25 7.51 -4.23
N THR A 17 -2.98 7.72 -3.85
CA THR A 17 -2.53 8.07 -2.48
C THR A 17 -2.96 7.03 -1.41
N PHE A 18 -3.28 5.80 -1.85
CA PHE A 18 -3.68 4.71 -0.94
C PHE A 18 -3.44 3.34 -1.59
N CYS A 19 -3.18 2.34 -0.75
CA CYS A 19 -2.93 0.97 -1.21
C CYS A 19 -4.19 0.12 -1.04
N PHE A 20 -4.54 -0.63 -2.09
CA PHE A 20 -5.73 -1.48 -2.07
C PHE A 20 -5.39 -2.94 -2.50
N PRO A 21 -6.24 -3.97 -2.14
CA PRO A 21 -5.98 -5.36 -2.54
C PRO A 21 -6.39 -5.65 -3.97
N ASP A 22 -5.53 -6.41 -4.67
CA ASP A 22 -5.74 -6.79 -6.07
C ASP A 22 -4.74 -7.89 -6.45
N ASP A 23 -3.46 -7.63 -6.15
CA ASP A 23 -2.38 -8.58 -6.43
C ASP A 23 -2.24 -9.60 -5.29
N ASP A 24 -2.58 -9.18 -4.06
CA ASP A 24 -2.50 -10.04 -2.88
C ASP A 24 -3.68 -9.78 -1.93
N TYR A 25 -4.58 -10.76 -1.82
CA TYR A 25 -5.74 -10.65 -0.94
C TYR A 25 -5.53 -11.40 0.37
N PHE A 1 11.76 -3.97 10.86
CA PHE A 1 11.29 -5.36 11.08
C PHE A 1 10.75 -5.98 9.80
N GLY A 2 10.00 -5.19 9.02
CA GLY A 2 9.43 -5.68 7.77
C GLY A 2 9.75 -4.77 6.60
N VAL A 3 9.40 -3.48 6.74
CA VAL A 3 9.65 -2.48 5.69
C VAL A 3 10.27 -1.21 6.27
N ARG A 4 11.04 -0.51 5.44
CA ARG A 4 11.70 0.74 5.84
C ARG A 4 10.90 1.98 5.41
N VAL A 5 10.39 1.95 4.18
CA VAL A 5 9.59 3.06 3.64
C VAL A 5 8.32 2.54 2.95
N GLY A 6 7.17 2.97 3.46
CA GLY A 6 5.88 2.56 2.91
C GLY A 6 4.81 2.38 3.96
N THR A 7 3.55 2.36 3.53
CA THR A 7 2.42 2.20 4.43
C THR A 7 1.92 0.76 4.46
N CYS A 8 1.82 0.15 3.27
CA CYS A 8 1.36 -1.23 3.13
C CYS A 8 2.51 -2.16 2.71
N PRO A 9 2.49 -3.47 3.11
CA PRO A 9 3.55 -4.44 2.76
C PRO A 9 3.67 -4.68 1.25
N SER A 10 4.79 -5.29 0.83
CA SER A 10 5.07 -5.60 -0.58
C SER A 10 4.02 -6.54 -1.18
N GLY A 11 3.64 -6.26 -2.43
CA GLY A 11 2.64 -7.07 -3.13
C GLY A 11 1.26 -6.43 -3.12
N TYR A 12 1.23 -5.09 -3.18
CA TYR A 12 -0.01 -4.32 -3.17
C TYR A 12 -0.02 -3.27 -4.28
N VAL A 13 -1.22 -2.79 -4.63
CA VAL A 13 -1.37 -1.78 -5.68
C VAL A 13 -1.57 -0.40 -5.03
N ARG A 14 -0.49 0.41 -5.08
CA ARG A 14 -0.51 1.76 -4.50
C ARG A 14 -0.69 2.80 -5.59
N ARG A 15 -1.93 3.28 -5.74
CA ARG A 15 -2.26 4.28 -6.76
C ARG A 15 -3.40 5.18 -6.28
N GLY A 16 -3.25 6.49 -6.52
CA GLY A 16 -4.26 7.47 -6.10
C GLY A 16 -4.17 7.82 -4.61
N THR A 17 -2.93 7.81 -4.08
CA THR A 17 -2.62 8.13 -2.66
C THR A 17 -3.26 7.13 -1.67
N PHE A 18 -3.63 5.94 -2.18
CA PHE A 18 -4.23 4.88 -1.34
C PHE A 18 -3.74 3.50 -1.77
N CYS A 19 -3.57 2.61 -0.78
CA CYS A 19 -3.11 1.24 -1.04
C CYS A 19 -4.26 0.26 -0.78
N PHE A 20 -4.59 -0.55 -1.80
CA PHE A 20 -5.67 -1.52 -1.69
C PHE A 20 -5.22 -2.95 -2.10
N PRO A 21 -5.95 -4.04 -1.71
CA PRO A 21 -5.58 -5.41 -2.07
C PRO A 21 -6.06 -5.80 -3.47
N ASP A 22 -5.15 -6.40 -4.24
CA ASP A 22 -5.42 -6.84 -5.61
C ASP A 22 -4.38 -7.90 -6.03
N ASP A 23 -3.09 -7.55 -5.87
CA ASP A 23 -1.98 -8.44 -6.22
C ASP A 23 -1.56 -9.30 -5.01
N ASP A 24 -2.15 -9.01 -3.83
CA ASP A 24 -1.84 -9.74 -2.59
C ASP A 24 -2.89 -10.83 -2.34
N TYR A 25 -4.17 -10.49 -2.55
CA TYR A 25 -5.27 -11.42 -2.34
C TYR A 25 -5.73 -12.02 -3.67
N PHE A 1 -7.75 18.20 4.33
CA PHE A 1 -6.55 18.59 5.12
C PHE A 1 -6.17 17.48 6.09
N GLY A 2 -4.86 17.23 6.23
CA GLY A 2 -4.37 16.20 7.13
C GLY A 2 -3.33 15.30 6.47
N VAL A 3 -2.41 14.78 7.28
CA VAL A 3 -1.35 13.90 6.79
C VAL A 3 -1.14 12.71 7.73
N ARG A 4 -1.33 11.50 7.20
CA ARG A 4 -1.15 10.28 7.97
C ARG A 4 0.15 9.58 7.61
N VAL A 5 0.77 8.93 8.60
CA VAL A 5 2.03 8.22 8.41
C VAL A 5 1.81 6.69 8.47
N GLY A 6 2.56 5.96 7.63
CA GLY A 6 2.44 4.52 7.58
C GLY A 6 2.77 3.95 6.21
N THR A 7 3.55 2.86 6.19
CA THR A 7 3.95 2.21 4.94
C THR A 7 3.07 1.00 4.64
N CYS A 8 2.85 0.75 3.34
CA CYS A 8 2.02 -0.37 2.90
C CYS A 8 2.87 -1.63 2.68
N PRO A 9 2.29 -2.85 2.88
CA PRO A 9 3.02 -4.13 2.69
C PRO A 9 3.44 -4.38 1.24
N SER A 10 4.35 -5.34 1.04
CA SER A 10 4.85 -5.69 -0.30
C SER A 10 3.89 -6.59 -1.05
N GLY A 11 3.66 -6.26 -2.33
CA GLY A 11 2.75 -7.03 -3.17
C GLY A 11 1.36 -6.43 -3.23
N TYR A 12 1.28 -5.10 -3.09
CA TYR A 12 0.01 -4.37 -3.12
C TYR A 12 0.00 -3.32 -4.23
N VAL A 13 -1.20 -2.84 -4.58
CA VAL A 13 -1.35 -1.83 -5.62
C VAL A 13 -1.52 -0.43 -4.98
N ARG A 14 -0.46 0.37 -5.07
CA ARG A 14 -0.45 1.73 -4.49
C ARG A 14 -0.71 2.77 -5.58
N ARG A 15 -1.96 3.24 -5.67
CA ARG A 15 -2.34 4.24 -6.67
C ARG A 15 -3.44 5.14 -6.13
N GLY A 16 -3.30 6.46 -6.38
CA GLY A 16 -4.28 7.44 -5.91
C GLY A 16 -4.08 7.83 -4.45
N THR A 17 -2.84 7.64 -3.95
CA THR A 17 -2.45 7.96 -2.55
C THR A 17 -3.08 6.95 -1.55
N PHE A 18 -3.51 5.78 -2.06
CA PHE A 18 -4.11 4.73 -1.22
C PHE A 18 -3.66 3.34 -1.67
N CYS A 19 -3.55 2.42 -0.71
CA CYS A 19 -3.15 1.04 -0.98
C CYS A 19 -4.33 0.10 -0.81
N PHE A 20 -4.63 -0.68 -1.85
CA PHE A 20 -5.75 -1.61 -1.82
C PHE A 20 -5.32 -3.04 -2.25
N PRO A 21 -6.10 -4.12 -1.90
CA PRO A 21 -5.76 -5.50 -2.29
C PRO A 21 -6.18 -5.83 -3.71
N ASP A 22 -5.27 -6.49 -4.44
CA ASP A 22 -5.49 -6.88 -5.84
C ASP A 22 -4.45 -7.93 -6.25
N ASP A 23 -3.17 -7.63 -6.00
CA ASP A 23 -2.06 -8.53 -6.32
C ASP A 23 -1.74 -9.46 -5.13
N ASP A 24 -2.31 -9.14 -3.96
CA ASP A 24 -2.10 -9.95 -2.75
C ASP A 24 -3.44 -10.29 -2.10
N TYR A 25 -3.88 -11.54 -2.31
CA TYR A 25 -5.15 -12.03 -1.76
C TYR A 25 -4.93 -12.71 -0.41
N PHE A 1 -14.35 2.17 16.44
CA PHE A 1 -14.96 3.19 15.54
C PHE A 1 -14.11 3.38 14.28
N GLY A 2 -12.79 3.43 14.46
CA GLY A 2 -11.87 3.62 13.35
C GLY A 2 -10.58 2.84 13.52
N VAL A 3 -9.99 2.42 12.39
CA VAL A 3 -8.73 1.66 12.39
C VAL A 3 -7.75 2.20 11.37
N ARG A 4 -6.49 2.34 11.80
CA ARG A 4 -5.42 2.85 10.93
C ARG A 4 -4.21 1.92 10.96
N VAL A 5 -3.48 1.88 9.84
CA VAL A 5 -2.29 1.03 9.71
C VAL A 5 -1.09 1.82 9.17
N GLY A 6 -1.35 2.72 8.21
CA GLY A 6 -0.30 3.52 7.61
C GLY A 6 0.08 3.04 6.23
N THR A 7 1.22 2.36 6.13
CA THR A 7 1.73 1.84 4.86
C THR A 7 1.39 0.36 4.70
N CYS A 8 1.25 -0.07 3.44
CA CYS A 8 0.92 -1.46 3.12
C CYS A 8 2.18 -2.25 2.72
N PRO A 9 2.24 -3.59 3.01
CA PRO A 9 3.41 -4.44 2.66
C PRO A 9 3.62 -4.59 1.15
N SER A 10 4.81 -5.08 0.77
CA SER A 10 5.18 -5.28 -0.65
C SER A 10 4.24 -6.26 -1.35
N GLY A 11 3.92 -5.97 -2.61
CA GLY A 11 3.03 -6.80 -3.41
C GLY A 11 1.60 -6.28 -3.42
N TYR A 12 1.43 -5.01 -3.05
CA TYR A 12 0.12 -4.35 -3.02
C TYR A 12 -0.02 -3.32 -4.13
N VAL A 13 -1.25 -2.86 -4.37
CA VAL A 13 -1.52 -1.86 -5.41
C VAL A 13 -1.65 -0.48 -4.76
N ARG A 14 -0.94 0.50 -5.32
CA ARG A 14 -0.93 1.88 -4.81
C ARG A 14 -1.17 2.87 -5.93
N ARG A 15 -2.33 3.53 -5.93
CA ARG A 15 -2.65 4.51 -6.98
C ARG A 15 -3.49 5.66 -6.41
N GLY A 16 -2.89 6.87 -6.40
CA GLY A 16 -3.57 8.05 -5.88
C GLY A 16 -3.52 8.12 -4.36
N THR A 17 -2.30 7.96 -3.79
CA THR A 17 -2.05 7.97 -2.32
C THR A 17 -2.96 6.97 -1.58
N PHE A 18 -3.32 5.89 -2.28
CA PHE A 18 -4.20 4.85 -1.75
C PHE A 18 -3.63 3.46 -2.09
N CYS A 19 -3.78 2.53 -1.13
CA CYS A 19 -3.30 1.15 -1.30
C CYS A 19 -4.42 0.17 -0.94
N PHE A 20 -4.73 -0.74 -1.87
CA PHE A 20 -5.79 -1.74 -1.66
C PHE A 20 -5.32 -3.17 -2.04
N PRO A 21 -6.04 -4.26 -1.58
CA PRO A 21 -5.66 -5.64 -1.93
C PRO A 21 -6.13 -6.06 -3.31
N ASP A 22 -5.21 -6.70 -4.05
CA ASP A 22 -5.46 -7.18 -5.41
C ASP A 22 -4.36 -8.16 -5.82
N ASP A 23 -3.10 -7.74 -5.65
CA ASP A 23 -1.93 -8.56 -5.97
C ASP A 23 -1.48 -9.37 -4.75
N ASP A 24 -1.89 -8.93 -3.55
CA ASP A 24 -1.54 -9.61 -2.31
C ASP A 24 -2.80 -9.81 -1.43
N TYR A 25 -3.27 -11.06 -1.36
CA TYR A 25 -4.46 -11.40 -0.57
C TYR A 25 -4.07 -12.27 0.63
N PHE A 1 8.09 8.36 21.62
CA PHE A 1 7.09 7.30 21.92
C PHE A 1 6.74 6.50 20.66
N GLY A 2 6.58 7.22 19.53
CA GLY A 2 6.25 6.57 18.28
C GLY A 2 5.79 7.56 17.22
N VAL A 3 6.07 7.24 15.96
CA VAL A 3 5.69 8.10 14.83
C VAL A 3 5.17 7.27 13.65
N ARG A 4 4.06 7.73 13.06
CA ARG A 4 3.44 7.04 11.92
C ARG A 4 3.19 8.02 10.77
N VAL A 5 3.24 7.50 9.54
CA VAL A 5 3.02 8.32 8.33
C VAL A 5 2.01 7.66 7.39
N GLY A 6 2.11 6.33 7.25
CA GLY A 6 1.21 5.59 6.37
C GLY A 6 1.96 4.87 5.26
N THR A 7 2.25 3.59 5.49
CA THR A 7 2.96 2.76 4.51
C THR A 7 2.37 1.36 4.45
N CYS A 8 2.14 0.87 3.22
CA CYS A 8 1.57 -0.47 3.01
C CYS A 8 2.66 -1.48 2.66
N PRO A 9 2.49 -2.79 3.05
CA PRO A 9 3.50 -3.85 2.76
C PRO A 9 3.64 -4.16 1.27
N SER A 10 4.71 -4.88 0.91
CA SER A 10 4.99 -5.26 -0.48
C SER A 10 4.01 -6.31 -1.00
N GLY A 11 3.68 -6.23 -2.29
CA GLY A 11 2.74 -7.15 -2.92
C GLY A 11 1.33 -6.58 -2.98
N TYR A 12 1.24 -5.24 -3.09
CA TYR A 12 -0.03 -4.53 -3.17
C TYR A 12 -0.02 -3.49 -4.29
N VAL A 13 -1.20 -2.97 -4.63
CA VAL A 13 -1.33 -1.96 -5.68
C VAL A 13 -1.44 -0.58 -5.04
N ARG A 14 -0.37 0.22 -5.16
CA ARG A 14 -0.33 1.58 -4.59
C ARG A 14 -0.64 2.62 -5.65
N ARG A 15 -1.88 3.10 -5.68
CA ARG A 15 -2.32 4.11 -6.64
C ARG A 15 -3.44 4.96 -6.06
N GLY A 16 -3.31 6.29 -6.21
CA GLY A 16 -4.30 7.22 -5.69
C GLY A 16 -4.14 7.49 -4.20
N THR A 17 -2.90 7.81 -3.79
CA THR A 17 -2.53 8.12 -2.38
C THR A 17 -3.00 7.06 -1.34
N PHE A 18 -3.32 5.84 -1.81
CA PHE A 18 -3.75 4.74 -0.93
C PHE A 18 -3.52 3.39 -1.59
N CYS A 19 -3.24 2.38 -0.76
CA CYS A 19 -2.99 1.01 -1.23
C CYS A 19 -4.25 0.15 -1.06
N PHE A 20 -4.57 -0.64 -2.08
CA PHE A 20 -5.74 -1.51 -2.03
C PHE A 20 -5.37 -2.97 -2.43
N PRO A 21 -6.21 -4.01 -2.06
CA PRO A 21 -5.92 -5.41 -2.43
C PRO A 21 -6.35 -5.77 -3.85
N ASP A 22 -5.45 -6.47 -4.54
CA ASP A 22 -5.68 -6.91 -5.93
C ASP A 22 -4.65 -7.99 -6.30
N ASP A 23 -3.36 -7.69 -6.07
CA ASP A 23 -2.27 -8.61 -6.35
C ASP A 23 -1.92 -9.46 -5.12
N ASP A 24 -2.47 -9.08 -3.95
CA ASP A 24 -2.22 -9.80 -2.70
C ASP A 24 -3.39 -10.72 -2.36
N TYR A 25 -4.62 -10.21 -2.52
CA TYR A 25 -5.83 -10.98 -2.23
C TYR A 25 -6.77 -10.97 -3.43
N PHE A 1 13.68 8.73 13.00
CA PHE A 1 12.98 9.45 14.09
C PHE A 1 11.49 9.59 13.80
N GLY A 2 11.16 9.91 12.54
CA GLY A 2 9.78 10.07 12.13
C GLY A 2 9.63 10.35 10.65
N VAL A 3 9.64 9.28 9.85
CA VAL A 3 9.52 9.40 8.39
C VAL A 3 8.57 8.34 7.84
N ARG A 4 7.69 8.77 6.93
CA ARG A 4 6.71 7.87 6.30
C ARG A 4 7.08 7.60 4.84
N VAL A 5 7.14 6.31 4.48
CA VAL A 5 7.47 5.89 3.11
C VAL A 5 6.62 4.71 2.65
N GLY A 6 6.38 3.76 3.57
CA GLY A 6 5.59 2.58 3.25
C GLY A 6 4.56 2.28 4.33
N THR A 7 3.29 2.20 3.92
CA THR A 7 2.19 1.92 4.85
C THR A 7 1.75 0.46 4.76
N CYS A 8 1.64 -0.05 3.53
CA CYS A 8 1.23 -1.43 3.28
C CYS A 8 2.43 -2.29 2.85
N PRO A 9 2.44 -3.62 3.18
CA PRO A 9 3.55 -4.54 2.80
C PRO A 9 3.69 -4.74 1.29
N SER A 10 4.83 -5.30 0.86
CA SER A 10 5.13 -5.54 -0.55
C SER A 10 4.11 -6.49 -1.20
N GLY A 11 3.71 -6.15 -2.43
CA GLY A 11 2.74 -6.95 -3.16
C GLY A 11 1.36 -6.35 -3.13
N TYR A 12 1.29 -5.02 -3.22
CA TYR A 12 0.03 -4.27 -3.19
C TYR A 12 -0.02 -3.24 -4.32
N VAL A 13 -1.23 -2.77 -4.63
CA VAL A 13 -1.42 -1.76 -5.69
C VAL A 13 -1.58 -0.37 -5.06
N ARG A 14 -0.52 0.45 -5.19
CA ARG A 14 -0.51 1.81 -4.64
C ARG A 14 -0.78 2.83 -5.75
N ARG A 15 -2.03 3.30 -5.83
CA ARG A 15 -2.42 4.29 -6.85
C ARG A 15 -3.52 5.20 -6.32
N GLY A 16 -3.35 6.52 -6.55
CA GLY A 16 -4.33 7.50 -6.08
C GLY A 16 -4.15 7.85 -4.61
N THR A 17 -2.88 7.80 -4.14
CA THR A 17 -2.49 8.09 -2.74
C THR A 17 -3.12 7.10 -1.72
N PHE A 18 -3.54 5.93 -2.22
CA PHE A 18 -4.14 4.88 -1.36
C PHE A 18 -3.63 3.50 -1.77
N CYS A 19 -3.54 2.60 -0.79
CA CYS A 19 -3.09 1.23 -1.01
C CYS A 19 -4.24 0.25 -0.76
N PHE A 20 -4.59 -0.53 -1.78
CA PHE A 20 -5.68 -1.51 -1.67
C PHE A 20 -5.22 -2.92 -2.09
N PRO A 21 -5.96 -4.02 -1.68
CA PRO A 21 -5.58 -5.40 -2.04
C PRO A 21 -6.07 -5.80 -3.43
N ASP A 22 -5.17 -6.41 -4.20
CA ASP A 22 -5.45 -6.88 -5.57
C ASP A 22 -4.40 -7.91 -5.98
N ASP A 23 -3.12 -7.55 -5.84
CA ASP A 23 -2.01 -8.44 -6.19
C ASP A 23 -1.55 -9.27 -4.98
N ASP A 24 -2.11 -8.96 -3.80
CA ASP A 24 -1.77 -9.68 -2.56
C ASP A 24 -2.81 -10.76 -2.25
N TYR A 25 -4.10 -10.42 -2.43
CA TYR A 25 -5.19 -11.36 -2.18
C TYR A 25 -6.08 -11.51 -3.41
N PHE A 1 -7.36 -1.72 18.22
CA PHE A 1 -6.79 -0.45 17.71
C PHE A 1 -5.31 -0.61 17.39
N GLY A 2 -4.84 0.13 16.37
CA GLY A 2 -3.45 0.07 15.97
C GLY A 2 -3.24 0.60 14.56
N VAL A 3 -3.22 1.93 14.43
CA VAL A 3 -3.02 2.58 13.14
C VAL A 3 -1.98 3.70 13.24
N ARG A 4 -1.06 3.73 12.26
CA ARG A 4 0.00 4.73 12.21
C ARG A 4 0.06 5.43 10.85
N VAL A 5 -0.12 4.64 9.77
CA VAL A 5 -0.09 5.13 8.38
C VAL A 5 1.29 5.71 8.01
N GLY A 6 1.96 5.05 7.06
CA GLY A 6 3.28 5.49 6.62
C GLY A 6 3.77 4.74 5.40
N THR A 7 3.80 3.41 5.50
CA THR A 7 4.24 2.55 4.41
C THR A 7 3.32 1.35 4.25
N CYS A 8 3.05 0.98 2.98
CA CYS A 8 2.19 -0.16 2.66
C CYS A 8 3.02 -1.44 2.50
N PRO A 9 2.43 -2.65 2.81
CA PRO A 9 3.14 -3.94 2.69
C PRO A 9 3.48 -4.30 1.23
N SER A 10 4.37 -5.29 1.07
CA SER A 10 4.81 -5.74 -0.26
C SER A 10 3.77 -6.64 -0.93
N GLY A 11 3.49 -6.35 -2.20
CA GLY A 11 2.51 -7.11 -2.96
C GLY A 11 1.14 -6.46 -2.98
N TYR A 12 1.13 -5.12 -3.12
CA TYR A 12 -0.11 -4.35 -3.14
C TYR A 12 -0.10 -3.30 -4.26
N VAL A 13 -1.29 -2.78 -4.59
CA VAL A 13 -1.42 -1.78 -5.65
C VAL A 13 -1.53 -0.38 -5.01
N ARG A 14 -0.44 0.39 -5.10
CA ARG A 14 -0.37 1.74 -4.54
C ARG A 14 -0.60 2.80 -5.62
N ARG A 15 -1.83 3.31 -5.69
CA ARG A 15 -2.19 4.33 -6.68
C ARG A 15 -3.29 5.24 -6.15
N GLY A 16 -3.09 6.56 -6.32
CA GLY A 16 -4.06 7.55 -5.85
C GLY A 16 -3.93 7.84 -4.35
N THR A 17 -2.73 7.57 -3.79
CA THR A 17 -2.42 7.78 -2.36
C THR A 17 -3.18 6.77 -1.45
N PHE A 18 -3.63 5.66 -2.04
CA PHE A 18 -4.36 4.62 -1.30
C PHE A 18 -3.92 3.22 -1.74
N CYS A 19 -3.65 2.35 -0.75
CA CYS A 19 -3.24 0.98 -1.02
C CYS A 19 -4.40 0.02 -0.79
N PHE A 20 -4.73 -0.77 -1.83
CA PHE A 20 -5.83 -1.74 -1.75
C PHE A 20 -5.38 -3.14 -2.22
N PRO A 21 -6.10 -4.25 -1.84
CA PRO A 21 -5.73 -5.61 -2.25
C PRO A 21 -6.17 -5.94 -3.68
N ASP A 22 -5.26 -6.55 -4.43
CA ASP A 22 -5.49 -6.93 -5.84
C ASP A 22 -4.41 -7.94 -6.29
N ASP A 23 -3.14 -7.58 -6.06
CA ASP A 23 -2.01 -8.43 -6.44
C ASP A 23 -1.60 -9.36 -5.27
N ASP A 24 -2.24 -9.17 -4.10
CA ASP A 24 -1.94 -10.00 -2.93
C ASP A 24 -2.93 -11.15 -2.78
N TYR A 25 -2.57 -12.30 -3.36
CA TYR A 25 -3.40 -13.51 -3.31
C TYR A 25 -2.55 -14.75 -3.06
N PHE A 1 1.18 5.44 19.45
CA PHE A 1 1.51 5.80 18.05
C PHE A 1 0.25 5.94 17.21
N GLY A 2 0.24 6.94 16.32
CA GLY A 2 -0.90 7.17 15.45
C GLY A 2 -0.53 7.93 14.20
N VAL A 3 -0.26 7.19 13.12
CA VAL A 3 0.12 7.78 11.83
C VAL A 3 -0.54 7.04 10.67
N ARG A 4 -1.34 7.79 9.88
CA ARG A 4 -2.04 7.22 8.73
C ARG A 4 -1.30 7.54 7.44
N VAL A 5 -1.23 6.55 6.52
CA VAL A 5 -0.55 6.67 5.21
C VAL A 5 0.95 6.92 5.39
N GLY A 6 1.76 5.95 4.97
CA GLY A 6 3.21 6.05 5.08
C GLY A 6 3.93 4.96 4.31
N THR A 7 3.84 3.73 4.81
CA THR A 7 4.49 2.58 4.17
C THR A 7 3.55 1.38 4.13
N CYS A 8 3.27 0.92 2.90
CA CYS A 8 2.38 -0.23 2.67
C CYS A 8 3.19 -1.53 2.53
N PRO A 9 2.59 -2.71 2.91
CA PRO A 9 3.28 -4.01 2.79
C PRO A 9 3.62 -4.40 1.35
N SER A 10 4.49 -5.40 1.21
CA SER A 10 4.93 -5.89 -0.11
C SER A 10 3.86 -6.77 -0.78
N GLY A 11 3.53 -6.44 -2.02
CA GLY A 11 2.53 -7.19 -2.77
C GLY A 11 1.18 -6.49 -2.79
N TYR A 12 1.19 -5.17 -2.96
CA TYR A 12 -0.04 -4.37 -3.00
C TYR A 12 0.02 -3.32 -4.11
N VAL A 13 -1.16 -2.82 -4.51
CA VAL A 13 -1.25 -1.80 -5.56
C VAL A 13 -1.42 -0.42 -4.93
N ARG A 14 -0.39 0.41 -5.08
CA ARG A 14 -0.38 1.77 -4.53
C ARG A 14 -0.72 2.79 -5.61
N ARG A 15 -1.98 3.24 -5.65
CA ARG A 15 -2.44 4.22 -6.64
C ARG A 15 -3.55 5.09 -6.08
N GLY A 16 -3.46 6.40 -6.34
CA GLY A 16 -4.45 7.36 -5.84
C GLY A 16 -4.22 7.75 -4.38
N THR A 17 -2.96 7.60 -3.92
CA THR A 17 -2.55 7.92 -2.52
C THR A 17 -3.14 6.92 -1.50
N PHE A 18 -3.57 5.74 -1.99
CA PHE A 18 -4.13 4.68 -1.13
C PHE A 18 -3.73 3.30 -1.65
N CYS A 19 -3.51 2.37 -0.71
CA CYS A 19 -3.14 0.99 -1.04
C CYS A 19 -4.35 0.07 -0.89
N PHE A 20 -4.67 -0.66 -1.96
CA PHE A 20 -5.81 -1.58 -1.96
C PHE A 20 -5.39 -3.00 -2.41
N PRO A 21 -6.17 -4.08 -2.07
CA PRO A 21 -5.85 -5.45 -2.48
C PRO A 21 -6.24 -5.75 -3.93
N ASP A 22 -5.32 -6.40 -4.64
CA ASP A 22 -5.51 -6.77 -6.05
C ASP A 22 -4.46 -7.81 -6.46
N ASP A 23 -3.19 -7.52 -6.15
CA ASP A 23 -2.08 -8.41 -6.45
C ASP A 23 -1.93 -9.51 -5.38
N ASP A 24 -2.41 -9.21 -4.15
CA ASP A 24 -2.34 -10.16 -3.04
C ASP A 24 -3.62 -10.10 -2.20
N TYR A 25 -4.46 -11.13 -2.33
CA TYR A 25 -5.73 -11.20 -1.60
C TYR A 25 -5.65 -12.28 -0.51
N PHE A 1 7.46 11.26 21.41
CA PHE A 1 7.60 10.00 20.62
C PHE A 1 6.87 10.10 19.28
N GLY A 2 7.42 9.45 18.27
CA GLY A 2 6.84 9.46 16.93
C GLY A 2 6.74 8.07 16.32
N VAL A 3 6.62 8.04 14.99
CA VAL A 3 6.51 6.77 14.25
C VAL A 3 7.30 6.82 12.95
N ARG A 4 7.73 5.64 12.48
CA ARG A 4 8.51 5.53 11.24
C ARG A 4 7.89 4.51 10.28
N VAL A 5 6.84 3.80 10.74
CA VAL A 5 6.16 2.79 9.94
C VAL A 5 4.70 3.16 9.69
N GLY A 6 4.34 3.33 8.42
CA GLY A 6 2.98 3.68 8.05
C GLY A 6 2.69 3.42 6.59
N THR A 7 3.04 2.22 6.13
CA THR A 7 2.83 1.80 4.73
C THR A 7 2.37 0.35 4.65
N CYS A 8 1.84 -0.04 3.48
CA CYS A 8 1.36 -1.40 3.26
C CYS A 8 2.50 -2.34 2.81
N PRO A 9 2.43 -3.67 3.15
CA PRO A 9 3.48 -4.65 2.77
C PRO A 9 3.62 -4.84 1.25
N SER A 10 4.74 -5.47 0.85
CA SER A 10 5.04 -5.72 -0.57
C SER A 10 4.00 -6.63 -1.23
N GLY A 11 3.72 -6.35 -2.50
CA GLY A 11 2.73 -7.12 -3.26
C GLY A 11 1.37 -6.44 -3.29
N TYR A 12 1.34 -5.15 -2.92
CA TYR A 12 0.12 -4.37 -2.90
C TYR A 12 0.08 -3.36 -4.05
N VAL A 13 -1.10 -2.77 -4.30
CA VAL A 13 -1.25 -1.79 -5.38
C VAL A 13 -1.42 -0.37 -4.82
N ARG A 14 -0.41 0.48 -5.05
CA ARG A 14 -0.42 1.87 -4.58
C ARG A 14 -0.75 2.82 -5.73
N ARG A 15 -2.01 3.25 -5.80
CA ARG A 15 -2.45 4.17 -6.86
C ARG A 15 -3.59 5.06 -6.36
N GLY A 16 -3.50 6.36 -6.69
CA GLY A 16 -4.51 7.33 -6.27
C GLY A 16 -4.32 7.80 -4.82
N THR A 17 -3.07 7.71 -4.33
CA THR A 17 -2.70 8.10 -2.94
C THR A 17 -3.27 7.12 -1.88
N PHE A 18 -3.65 5.91 -2.33
CA PHE A 18 -4.20 4.89 -1.43
C PHE A 18 -3.69 3.49 -1.81
N CYS A 19 -3.52 2.64 -0.81
CA CYS A 19 -3.04 1.26 -1.00
C CYS A 19 -4.15 0.27 -0.66
N PHE A 20 -4.59 -0.51 -1.65
CA PHE A 20 -5.65 -1.50 -1.46
C PHE A 20 -5.22 -2.90 -1.95
N PRO A 21 -5.92 -4.02 -1.54
CA PRO A 21 -5.57 -5.38 -1.99
C PRO A 21 -6.06 -5.70 -3.40
N ASP A 22 -5.15 -6.22 -4.22
CA ASP A 22 -5.44 -6.59 -5.61
C ASP A 22 -4.37 -7.56 -6.12
N ASP A 23 -3.10 -7.17 -5.97
CA ASP A 23 -1.97 -8.00 -6.40
C ASP A 23 -1.44 -8.86 -5.24
N ASP A 24 -1.97 -8.62 -4.03
CA ASP A 24 -1.55 -9.37 -2.83
C ASP A 24 -2.51 -10.54 -2.55
N TYR A 25 -3.81 -10.29 -2.68
CA TYR A 25 -4.83 -11.31 -2.45
C TYR A 25 -5.67 -11.52 -3.70
N PHE A 1 13.74 11.91 5.51
CA PHE A 1 13.34 13.05 6.38
C PHE A 1 11.90 12.89 6.85
N GLY A 2 11.01 12.46 5.95
CA GLY A 2 9.61 12.27 6.29
C GLY A 2 8.99 11.09 5.57
N VAL A 3 7.97 10.50 6.19
CA VAL A 3 7.27 9.34 5.61
C VAL A 3 5.75 9.54 5.63
N ARG A 4 5.14 9.46 4.45
CA ARG A 4 3.69 9.64 4.30
C ARG A 4 3.06 8.48 3.51
N VAL A 5 3.81 7.96 2.54
CA VAL A 5 3.34 6.84 1.71
C VAL A 5 4.22 5.60 1.89
N GLY A 6 3.56 4.47 2.21
CA GLY A 6 4.27 3.21 2.40
C GLY A 6 3.91 2.56 3.72
N THR A 7 2.61 2.34 3.92
CA THR A 7 2.10 1.71 5.14
C THR A 7 1.81 0.22 4.93
N CYS A 8 1.41 -0.15 3.71
CA CYS A 8 1.10 -1.53 3.37
C CYS A 8 2.35 -2.28 2.85
N PRO A 9 2.45 -3.63 3.10
CA PRO A 9 3.61 -4.44 2.64
C PRO A 9 3.70 -4.56 1.12
N SER A 10 4.86 -5.03 0.62
CA SER A 10 5.12 -5.20 -0.81
C SER A 10 4.17 -6.23 -1.44
N GLY A 11 3.71 -5.93 -2.66
CA GLY A 11 2.80 -6.81 -3.37
C GLY A 11 1.39 -6.23 -3.48
N TYR A 12 1.24 -4.98 -3.04
CA TYR A 12 -0.05 -4.28 -3.08
C TYR A 12 -0.09 -3.27 -4.22
N VAL A 13 -1.29 -2.77 -4.54
CA VAL A 13 -1.47 -1.79 -5.61
C VAL A 13 -1.59 -0.38 -5.00
N ARG A 14 -0.50 0.39 -5.10
CA ARG A 14 -0.44 1.74 -4.56
C ARG A 14 -0.63 2.76 -5.68
N ARG A 15 -1.85 3.29 -5.81
CA ARG A 15 -2.18 4.28 -6.85
C ARG A 15 -3.28 5.21 -6.36
N GLY A 16 -3.06 6.53 -6.55
CA GLY A 16 -4.03 7.54 -6.13
C GLY A 16 -3.94 7.85 -4.63
N THR A 17 -2.71 7.76 -4.08
CA THR A 17 -2.41 8.02 -2.66
C THR A 17 -3.13 7.04 -1.70
N PHE A 18 -3.57 5.89 -2.25
CA PHE A 18 -4.26 4.87 -1.44
C PHE A 18 -3.75 3.47 -1.80
N CYS A 19 -3.71 2.58 -0.80
CA CYS A 19 -3.26 1.20 -0.99
C CYS A 19 -4.41 0.23 -0.74
N PHE A 20 -4.71 -0.61 -1.75
CA PHE A 20 -5.80 -1.58 -1.64
C PHE A 20 -5.32 -2.99 -2.05
N PRO A 21 -6.05 -4.10 -1.64
CA PRO A 21 -5.67 -5.47 -2.00
C PRO A 21 -6.13 -5.88 -3.40
N ASP A 22 -5.22 -6.51 -4.13
CA ASP A 22 -5.48 -6.98 -5.50
C ASP A 22 -4.41 -8.02 -5.90
N ASP A 23 -3.14 -7.63 -5.73
CA ASP A 23 -2.00 -8.49 -6.06
C ASP A 23 -1.51 -9.25 -4.81
N ASP A 24 -1.99 -8.82 -3.63
CA ASP A 24 -1.60 -9.44 -2.37
C ASP A 24 -2.85 -9.78 -1.54
N TYR A 25 -3.21 -11.09 -1.53
CA TYR A 25 -4.39 -11.61 -0.80
C TYR A 25 -5.71 -11.00 -1.31
N PHE A 1 -1.85 22.97 7.05
CA PHE A 1 -1.58 21.62 7.58
C PHE A 1 -2.52 20.59 6.96
N GLY A 2 -1.97 19.40 6.67
CA GLY A 2 -2.76 18.34 6.07
C GLY A 2 -1.92 17.43 5.19
N VAL A 3 -1.18 16.51 5.81
CA VAL A 3 -0.33 15.57 5.07
C VAL A 3 -0.40 14.16 5.69
N ARG A 4 -0.81 13.20 4.86
CA ARG A 4 -0.93 11.80 5.30
C ARG A 4 0.28 10.98 4.85
N VAL A 5 0.68 10.01 5.68
CA VAL A 5 1.81 9.14 5.38
C VAL A 5 1.53 7.70 5.77
N GLY A 6 1.56 6.80 4.78
CA GLY A 6 1.31 5.38 5.02
C GLY A 6 1.93 4.49 3.97
N THR A 7 2.30 3.27 4.37
CA THR A 7 2.93 2.30 3.47
C THR A 7 2.37 0.90 3.70
N CYS A 8 2.06 0.21 2.60
CA CYS A 8 1.51 -1.15 2.65
C CYS A 8 2.62 -2.19 2.41
N PRO A 9 2.49 -3.43 2.97
CA PRO A 9 3.48 -4.51 2.80
C PRO A 9 3.67 -4.93 1.33
N SER A 10 4.76 -5.69 1.07
CA SER A 10 5.09 -6.17 -0.29
C SER A 10 3.98 -7.03 -0.89
N GLY A 11 3.64 -6.72 -2.14
CA GLY A 11 2.58 -7.44 -2.84
C GLY A 11 1.26 -6.69 -2.83
N TYR A 12 1.34 -5.36 -2.89
CA TYR A 12 0.17 -4.49 -2.88
C TYR A 12 0.22 -3.48 -4.04
N VAL A 13 -0.91 -2.82 -4.31
CA VAL A 13 -0.99 -1.82 -5.38
C VAL A 13 -1.21 -0.42 -4.81
N ARG A 14 -0.22 0.46 -5.02
CA ARG A 14 -0.29 1.85 -4.53
C ARG A 14 -0.69 2.78 -5.66
N ARG A 15 -1.98 3.15 -5.70
CA ARG A 15 -2.51 4.05 -6.73
C ARG A 15 -3.73 4.81 -6.20
N GLY A 16 -3.76 6.13 -6.49
CA GLY A 16 -4.86 6.97 -6.04
C GLY A 16 -4.73 7.41 -4.58
N THR A 17 -3.53 7.92 -4.23
CA THR A 17 -3.18 8.41 -2.87
C THR A 17 -3.52 7.41 -1.72
N PHE A 18 -3.69 6.13 -2.07
CA PHE A 18 -3.98 5.06 -1.09
C PHE A 18 -3.65 3.69 -1.66
N CYS A 19 -3.25 2.77 -0.77
CA CYS A 19 -2.90 1.40 -1.16
C CYS A 19 -4.05 0.45 -0.86
N PHE A 20 -4.45 -0.35 -1.85
CA PHE A 20 -5.55 -1.29 -1.71
C PHE A 20 -5.14 -2.72 -2.17
N PRO A 21 -5.91 -3.80 -1.79
CA PRO A 21 -5.58 -5.18 -2.21
C PRO A 21 -6.05 -5.49 -3.63
N ASP A 22 -5.14 -6.08 -4.41
CA ASP A 22 -5.42 -6.46 -5.81
C ASP A 22 -4.39 -7.49 -6.27
N ASP A 23 -3.09 -7.16 -6.09
CA ASP A 23 -2.00 -8.05 -6.47
C ASP A 23 -1.59 -8.97 -5.30
N ASP A 24 -2.28 -8.83 -4.16
CA ASP A 24 -2.00 -9.64 -2.97
C ASP A 24 -2.86 -10.91 -2.95
N TYR A 25 -4.15 -10.76 -3.29
CA TYR A 25 -5.09 -11.90 -3.33
C TYR A 25 -5.82 -11.95 -4.67
N PHE A 1 20.67 6.08 -0.12
CA PHE A 1 19.71 4.97 0.07
C PHE A 1 19.85 4.34 1.45
N GLY A 2 18.73 3.85 1.99
CA GLY A 2 18.73 3.22 3.31
C GLY A 2 17.34 3.07 3.88
N VAL A 3 16.44 2.47 3.10
CA VAL A 3 15.05 2.25 3.52
C VAL A 3 14.54 0.89 3.07
N ARG A 4 14.15 0.06 4.04
CA ARG A 4 13.63 -1.29 3.78
C ARG A 4 12.13 -1.36 4.02
N VAL A 5 11.66 -0.70 5.08
CA VAL A 5 10.25 -0.69 5.45
C VAL A 5 9.61 0.65 5.05
N GLY A 6 8.41 0.57 4.47
CA GLY A 6 7.69 1.77 4.05
C GLY A 6 6.40 1.97 4.82
N THR A 7 5.30 2.21 4.11
CA THR A 7 3.99 2.42 4.72
C THR A 7 3.06 1.24 4.44
N CYS A 8 2.97 0.86 3.17
CA CYS A 8 2.12 -0.26 2.74
C CYS A 8 2.94 -1.55 2.59
N PRO A 9 2.31 -2.74 2.84
CA PRO A 9 3.02 -4.05 2.72
C PRO A 9 3.43 -4.38 1.28
N SER A 10 4.32 -5.38 1.14
CA SER A 10 4.82 -5.81 -0.18
C SER A 10 3.80 -6.68 -0.92
N GLY A 11 3.55 -6.33 -2.19
CA GLY A 11 2.58 -7.06 -3.01
C GLY A 11 1.22 -6.42 -3.01
N TYR A 12 1.19 -5.08 -3.16
CA TYR A 12 -0.05 -4.31 -3.17
C TYR A 12 -0.06 -3.28 -4.30
N VAL A 13 -1.26 -2.78 -4.63
CA VAL A 13 -1.41 -1.78 -5.69
C VAL A 13 -1.53 -0.37 -5.06
N ARG A 14 -0.46 0.42 -5.20
CA ARG A 14 -0.42 1.78 -4.64
C ARG A 14 -0.71 2.81 -5.74
N ARG A 15 -1.96 3.30 -5.78
CA ARG A 15 -2.38 4.30 -6.77
C ARG A 15 -3.45 5.21 -6.20
N GLY A 16 -3.25 6.52 -6.34
CA GLY A 16 -4.20 7.50 -5.83
C GLY A 16 -4.02 7.77 -4.33
N THR A 17 -2.76 7.67 -3.86
CA THR A 17 -2.37 7.86 -2.44
C THR A 17 -3.05 6.86 -1.48
N PHE A 18 -3.52 5.73 -2.04
CA PHE A 18 -4.16 4.67 -1.23
C PHE A 18 -3.69 3.29 -1.67
N CYS A 19 -3.62 2.36 -0.72
CA CYS A 19 -3.19 0.99 -0.99
C CYS A 19 -4.36 0.02 -0.77
N PHE A 20 -4.69 -0.75 -1.82
CA PHE A 20 -5.80 -1.70 -1.75
C PHE A 20 -5.34 -3.11 -2.21
N PRO A 21 -6.05 -4.21 -1.82
CA PRO A 21 -5.67 -5.59 -2.23
C PRO A 21 -6.14 -5.93 -3.64
N ASP A 22 -5.22 -6.52 -4.42
CA ASP A 22 -5.47 -6.92 -5.80
C ASP A 22 -4.40 -7.93 -6.26
N ASP A 23 -3.12 -7.56 -6.07
CA ASP A 23 -1.99 -8.41 -6.44
C ASP A 23 -1.60 -9.35 -5.28
N ASP A 24 -2.21 -9.15 -4.11
CA ASP A 24 -1.93 -9.98 -2.92
C ASP A 24 -2.97 -11.10 -2.76
N TYR A 25 -4.24 -10.75 -2.93
CA TYR A 25 -5.35 -11.70 -2.81
C TYR A 25 -6.19 -11.71 -4.09
N PHE A 1 3.21 -6.27 15.89
CA PHE A 1 1.81 -5.84 15.61
C PHE A 1 1.55 -4.45 16.18
N GLY A 2 0.67 -3.70 15.51
CA GLY A 2 0.33 -2.36 15.95
C GLY A 2 -0.26 -1.52 14.83
N VAL A 3 0.06 -0.22 14.85
CA VAL A 3 -0.43 0.72 13.84
C VAL A 3 0.67 1.69 13.38
N ARG A 4 1.03 1.60 12.10
CA ARG A 4 2.07 2.45 11.52
C ARG A 4 1.59 3.09 10.22
N VAL A 5 2.05 4.32 9.96
CA VAL A 5 1.68 5.06 8.75
C VAL A 5 2.93 5.61 8.04
N GLY A 6 3.12 5.19 6.79
CA GLY A 6 4.26 5.63 6.00
C GLY A 6 4.42 4.87 4.71
N THR A 7 4.48 3.54 4.81
CA THR A 7 4.64 2.66 3.65
C THR A 7 3.72 1.45 3.74
N CYS A 8 3.32 0.94 2.57
CA CYS A 8 2.44 -0.22 2.48
C CYS A 8 3.25 -1.52 2.31
N PRO A 9 2.71 -2.70 2.75
CA PRO A 9 3.42 -4.00 2.63
C PRO A 9 3.63 -4.42 1.17
N SER A 10 4.51 -5.42 0.97
CA SER A 10 4.85 -5.93 -0.36
C SER A 10 3.75 -6.85 -0.90
N GLY A 11 3.36 -6.60 -2.16
CA GLY A 11 2.32 -7.39 -2.80
C GLY A 11 1.02 -6.63 -2.99
N TYR A 12 1.03 -5.33 -2.63
CA TYR A 12 -0.15 -4.47 -2.75
C TYR A 12 0.04 -3.42 -3.85
N VAL A 13 -1.08 -2.88 -4.36
CA VAL A 13 -1.04 -1.87 -5.41
C VAL A 13 -1.24 -0.48 -4.78
N ARG A 14 -0.22 0.37 -4.89
CA ARG A 14 -0.26 1.73 -4.32
C ARG A 14 -0.57 2.74 -5.42
N ARG A 15 -1.84 3.15 -5.50
CA ARG A 15 -2.28 4.14 -6.51
C ARG A 15 -3.48 4.93 -6.01
N GLY A 16 -3.44 6.25 -6.24
CA GLY A 16 -4.53 7.14 -5.81
C GLY A 16 -4.43 7.52 -4.33
N THR A 17 -3.20 7.80 -3.87
CA THR A 17 -2.89 8.19 -2.47
C THR A 17 -3.38 7.15 -1.42
N PHE A 18 -3.63 5.91 -1.86
CA PHE A 18 -4.06 4.81 -0.99
C PHE A 18 -3.75 3.45 -1.61
N CYS A 19 -3.51 2.45 -0.74
CA CYS A 19 -3.20 1.09 -1.19
C CYS A 19 -4.43 0.21 -1.10
N PHE A 20 -4.71 -0.54 -2.18
CA PHE A 20 -5.88 -1.43 -2.22
C PHE A 20 -5.45 -2.88 -2.59
N PRO A 21 -6.30 -3.92 -2.29
CA PRO A 21 -5.97 -5.32 -2.62
C PRO A 21 -6.24 -5.66 -4.08
N ASP A 22 -5.26 -6.35 -4.70
CA ASP A 22 -5.32 -6.77 -6.10
C ASP A 22 -4.27 -7.86 -6.36
N ASP A 23 -3.02 -7.56 -5.98
CA ASP A 23 -1.91 -8.49 -6.15
C ASP A 23 -1.74 -9.39 -4.91
N ASP A 24 -2.39 -9.00 -3.80
CA ASP A 24 -2.31 -9.76 -2.56
C ASP A 24 -3.72 -10.09 -2.06
N TYR A 25 -4.14 -11.35 -2.28
CA TYR A 25 -5.46 -11.81 -1.87
C TYR A 25 -5.34 -12.96 -0.86
N PHE A 1 7.88 13.33 11.93
CA PHE A 1 6.67 12.87 12.65
C PHE A 1 6.52 11.34 12.55
N GLY A 2 6.77 10.80 11.35
CA GLY A 2 6.66 9.37 11.14
C GLY A 2 6.07 9.03 9.77
N VAL A 3 4.88 9.57 9.50
CA VAL A 3 4.19 9.34 8.23
C VAL A 3 3.64 10.64 7.65
N ARG A 4 3.92 10.87 6.36
CA ARG A 4 3.46 12.07 5.67
C ARG A 4 2.22 11.78 4.82
N VAL A 5 2.21 10.60 4.18
CA VAL A 5 1.08 10.18 3.33
C VAL A 5 0.57 8.79 3.69
N GLY A 6 1.51 7.89 4.02
CA GLY A 6 1.16 6.52 4.39
C GLY A 6 2.11 5.50 3.81
N THR A 7 2.23 4.35 4.48
CA THR A 7 3.10 3.27 4.04
C THR A 7 2.41 1.91 4.16
N CYS A 8 2.50 1.11 3.10
CA CYS A 8 1.89 -0.22 3.07
C CYS A 8 2.93 -1.29 2.69
N PRO A 9 2.77 -2.57 3.17
CA PRO A 9 3.71 -3.68 2.86
C PRO A 9 3.77 -4.02 1.37
N SER A 10 4.80 -4.79 0.99
CA SER A 10 5.01 -5.21 -0.40
C SER A 10 4.00 -6.29 -0.83
N GLY A 11 3.69 -6.30 -2.13
CA GLY A 11 2.73 -7.25 -2.68
C GLY A 11 1.33 -6.68 -2.79
N TYR A 12 1.24 -5.35 -2.86
CA TYR A 12 -0.03 -4.64 -2.96
C TYR A 12 -0.01 -3.60 -4.09
N VAL A 13 -1.18 -3.06 -4.44
CA VAL A 13 -1.27 -2.05 -5.50
C VAL A 13 -1.41 -0.65 -4.91
N ARG A 14 -0.37 0.17 -5.04
CA ARG A 14 -0.35 1.53 -4.51
C ARG A 14 -0.65 2.54 -5.59
N ARG A 15 -1.90 3.00 -5.65
CA ARG A 15 -2.35 3.98 -6.65
C ARG A 15 -3.46 4.86 -6.08
N GLY A 16 -3.34 6.18 -6.31
CA GLY A 16 -4.34 7.13 -5.82
C GLY A 16 -4.14 7.48 -4.35
N THR A 17 -2.87 7.54 -3.92
CA THR A 17 -2.46 7.86 -2.52
C THR A 17 -3.01 6.86 -1.48
N PHE A 18 -3.41 5.66 -1.93
CA PHE A 18 -3.92 4.60 -1.03
C PHE A 18 -3.59 3.21 -1.58
N CYS A 19 -3.32 2.28 -0.66
CA CYS A 19 -3.00 0.89 -1.02
C CYS A 19 -4.23 0.00 -0.81
N PHE A 20 -4.63 -0.71 -1.87
CA PHE A 20 -5.78 -1.60 -1.82
C PHE A 20 -5.44 -3.01 -2.35
N PRO A 21 -6.28 -4.07 -2.06
CA PRO A 21 -6.02 -5.43 -2.55
C PRO A 21 -6.46 -5.64 -3.99
N ASP A 22 -5.57 -6.25 -4.79
CA ASP A 22 -5.81 -6.54 -6.20
C ASP A 22 -4.80 -7.58 -6.68
N ASP A 23 -3.51 -7.31 -6.44
CA ASP A 23 -2.42 -8.20 -6.82
C ASP A 23 -2.12 -9.23 -5.71
N ASP A 24 -2.93 -9.19 -4.63
CA ASP A 24 -2.77 -10.11 -3.50
C ASP A 24 -3.56 -11.42 -3.71
N TYR A 25 -4.78 -11.29 -4.25
CA TYR A 25 -5.64 -12.44 -4.51
C TYR A 25 -5.56 -12.84 -5.99
N PHE A 1 -10.30 0.58 13.33
CA PHE A 1 -10.69 -0.70 12.68
C PHE A 1 -10.98 -0.49 11.20
N GLY A 2 -11.70 0.60 10.87
CA GLY A 2 -12.04 0.90 9.48
C GLY A 2 -11.24 2.07 8.93
N VAL A 3 -10.87 1.99 7.64
CA VAL A 3 -10.10 3.03 6.93
C VAL A 3 -8.70 3.20 7.56
N ARG A 4 -7.67 2.89 6.77
CA ARG A 4 -6.29 2.99 7.23
C ARG A 4 -5.44 3.78 6.22
N VAL A 5 -4.50 4.56 6.75
CA VAL A 5 -3.61 5.38 5.92
C VAL A 5 -2.18 5.36 6.44
N GLY A 6 -1.26 4.90 5.60
CA GLY A 6 0.15 4.83 5.97
C GLY A 6 0.98 4.08 4.94
N THR A 7 1.63 3.00 5.38
CA THR A 7 2.46 2.18 4.50
C THR A 7 2.03 0.72 4.52
N CYS A 8 1.78 0.16 3.34
CA CYS A 8 1.35 -1.23 3.19
C CYS A 8 2.53 -2.12 2.75
N PRO A 9 2.54 -3.44 3.15
CA PRO A 9 3.61 -4.39 2.79
C PRO A 9 3.72 -4.64 1.28
N SER A 10 4.85 -5.23 0.86
CA SER A 10 5.11 -5.53 -0.57
C SER A 10 4.07 -6.47 -1.16
N GLY A 11 3.67 -6.19 -2.41
CA GLY A 11 2.68 -7.00 -3.10
C GLY A 11 1.29 -6.37 -3.05
N TYR A 12 1.25 -5.03 -3.16
CA TYR A 12 0.00 -4.27 -3.14
C TYR A 12 -0.05 -3.25 -4.27
N VAL A 13 -1.26 -2.75 -4.57
CA VAL A 13 -1.44 -1.76 -5.63
C VAL A 13 -1.57 -0.36 -5.02
N ARG A 14 -0.50 0.44 -5.15
CA ARG A 14 -0.46 1.80 -4.61
C ARG A 14 -0.67 2.82 -5.72
N ARG A 15 -1.91 3.33 -5.83
CA ARG A 15 -2.25 4.31 -6.86
C ARG A 15 -3.35 5.24 -6.37
N GLY A 16 -3.13 6.55 -6.53
CA GLY A 16 -4.10 7.56 -6.09
C GLY A 16 -4.02 7.84 -4.59
N THR A 17 -2.80 7.73 -4.04
CA THR A 17 -2.49 7.96 -2.60
C THR A 17 -3.23 6.97 -1.66
N PHE A 18 -3.68 5.84 -2.22
CA PHE A 18 -4.38 4.80 -1.44
C PHE A 18 -3.89 3.40 -1.83
N CYS A 19 -3.64 2.57 -0.82
CA CYS A 19 -3.18 1.21 -1.02
C CYS A 19 -4.30 0.21 -0.73
N PHE A 20 -4.64 -0.62 -1.71
CA PHE A 20 -5.71 -1.61 -1.57
C PHE A 20 -5.25 -3.02 -2.03
N PRO A 21 -5.95 -4.13 -1.62
CA PRO A 21 -5.58 -5.50 -2.02
C PRO A 21 -6.09 -5.86 -3.41
N ASP A 22 -5.20 -6.45 -4.21
CA ASP A 22 -5.51 -6.86 -5.58
C ASP A 22 -4.46 -7.87 -6.07
N ASP A 23 -3.18 -7.50 -5.93
CA ASP A 23 -2.06 -8.34 -6.35
C ASP A 23 -1.64 -9.31 -5.22
N ASP A 24 -2.23 -9.15 -4.03
CA ASP A 24 -1.93 -10.01 -2.88
C ASP A 24 -2.94 -11.15 -2.76
N TYR A 25 -4.23 -10.81 -2.85
CA TYR A 25 -5.31 -11.80 -2.75
C TYR A 25 -6.35 -11.57 -3.85
N PHE A 1 7.83 16.29 10.73
CA PHE A 1 7.25 16.43 9.38
C PHE A 1 8.34 16.36 8.31
N GLY A 2 7.97 15.82 7.14
CA GLY A 2 8.91 15.70 6.04
C GLY A 2 8.37 14.85 4.90
N VAL A 3 9.24 14.04 4.31
CA VAL A 3 8.86 13.17 3.19
C VAL A 3 9.35 11.73 3.40
N ARG A 4 8.40 10.79 3.44
CA ARG A 4 8.72 9.37 3.65
C ARG A 4 8.07 8.51 2.56
N VAL A 5 8.72 7.39 2.23
CA VAL A 5 8.22 6.46 1.22
C VAL A 5 8.22 5.02 1.73
N GLY A 6 7.07 4.36 1.63
CA GLY A 6 6.93 2.98 2.07
C GLY A 6 6.07 2.85 3.31
N THR A 7 4.76 3.01 3.13
CA THR A 7 3.79 2.92 4.22
C THR A 7 3.04 1.58 4.19
N CYS A 8 2.63 1.16 2.99
CA CYS A 8 1.91 -0.08 2.80
C CYS A 8 2.87 -1.26 2.54
N PRO A 9 2.49 -2.52 2.93
CA PRO A 9 3.36 -3.71 2.73
C PRO A 9 3.59 -4.04 1.25
N SER A 10 4.58 -4.92 0.99
CA SER A 10 4.94 -5.33 -0.37
C SER A 10 3.93 -6.33 -0.94
N GLY A 11 3.60 -6.16 -2.21
CA GLY A 11 2.64 -7.03 -2.88
C GLY A 11 1.23 -6.44 -2.91
N TYR A 12 1.16 -5.11 -3.02
CA TYR A 12 -0.11 -4.39 -3.06
C TYR A 12 -0.14 -3.37 -4.19
N VAL A 13 -1.34 -2.84 -4.48
CA VAL A 13 -1.50 -1.84 -5.54
C VAL A 13 -1.57 -0.44 -4.92
N ARG A 14 -0.47 0.32 -5.07
CA ARG A 14 -0.36 1.67 -4.52
C ARG A 14 -0.63 2.71 -5.60
N ARG A 15 -1.85 3.25 -5.63
CA ARG A 15 -2.24 4.26 -6.63
C ARG A 15 -3.30 5.21 -6.04
N GLY A 16 -3.07 6.52 -6.22
CA GLY A 16 -3.98 7.53 -5.70
C GLY A 16 -3.81 7.81 -4.21
N THR A 17 -2.58 7.58 -3.71
CA THR A 17 -2.21 7.78 -2.29
C THR A 17 -2.89 6.73 -1.36
N PHE A 18 -3.33 5.61 -1.96
CA PHE A 18 -3.98 4.52 -1.21
C PHE A 18 -3.55 3.16 -1.75
N CYS A 19 -3.56 2.15 -0.88
CA CYS A 19 -3.20 0.78 -1.26
C CYS A 19 -4.35 -0.18 -0.96
N PHE A 20 -4.82 -0.86 -2.00
CA PHE A 20 -5.93 -1.81 -1.88
C PHE A 20 -5.52 -3.23 -2.33
N PRO A 21 -6.25 -4.32 -1.94
CA PRO A 21 -5.92 -5.70 -2.35
C PRO A 21 -6.37 -6.01 -3.77
N ASP A 22 -5.46 -6.64 -4.53
CA ASP A 22 -5.71 -7.02 -5.93
C ASP A 22 -4.62 -8.00 -6.39
N ASP A 23 -3.36 -7.62 -6.16
CA ASP A 23 -2.21 -8.45 -6.53
C ASP A 23 -1.87 -9.46 -5.42
N ASP A 24 -2.40 -9.23 -4.21
CA ASP A 24 -2.17 -10.12 -3.08
C ASP A 24 -3.42 -10.95 -2.77
N TYR A 25 -3.44 -12.18 -3.31
CA TYR A 25 -4.57 -13.09 -3.12
C TYR A 25 -4.09 -14.41 -2.50
N PHE A 1 4.17 21.73 0.73
CA PHE A 1 5.35 21.36 1.56
C PHE A 1 4.93 20.48 2.72
N GLY A 2 5.73 19.45 3.01
CA GLY A 2 5.44 18.53 4.10
C GLY A 2 5.67 17.08 3.72
N VAL A 3 5.88 16.23 4.75
CA VAL A 3 6.12 14.80 4.54
C VAL A 3 5.24 13.96 5.46
N ARG A 4 4.52 12.99 4.88
CA ARG A 4 3.63 12.11 5.63
C ARG A 4 4.24 10.71 5.78
N VAL A 5 3.84 10.02 6.85
CA VAL A 5 4.34 8.66 7.12
C VAL A 5 3.20 7.64 7.11
N GLY A 6 3.44 6.52 6.41
CA GLY A 6 2.45 5.47 6.31
C GLY A 6 2.53 4.71 4.99
N THR A 7 3.33 3.64 4.99
CA THR A 7 3.51 2.82 3.79
C THR A 7 2.83 1.45 3.94
N CYS A 8 2.46 0.86 2.80
CA CYS A 8 1.80 -0.44 2.79
C CYS A 8 2.81 -1.56 2.47
N PRO A 9 2.56 -2.82 2.97
CA PRO A 9 3.47 -3.98 2.73
C PRO A 9 3.59 -4.35 1.24
N SER A 10 4.61 -5.17 0.93
CA SER A 10 4.87 -5.62 -0.45
C SER A 10 3.78 -6.58 -0.95
N GLY A 11 3.46 -6.46 -2.23
CA GLY A 11 2.43 -7.30 -2.84
C GLY A 11 1.08 -6.62 -2.90
N TYR A 12 1.10 -5.28 -3.04
CA TYR A 12 -0.12 -4.47 -3.10
C TYR A 12 -0.02 -3.42 -4.21
N VAL A 13 -1.17 -2.88 -4.62
CA VAL A 13 -1.22 -1.85 -5.67
C VAL A 13 -1.36 -0.47 -5.02
N ARG A 14 -0.33 0.36 -5.18
CA ARG A 14 -0.32 1.71 -4.61
C ARG A 14 -0.67 2.75 -5.66
N ARG A 15 -1.94 3.19 -5.65
CA ARG A 15 -2.43 4.19 -6.61
C ARG A 15 -3.55 5.00 -5.99
N GLY A 16 -3.49 6.34 -6.19
CA GLY A 16 -4.51 7.24 -5.65
C GLY A 16 -4.29 7.56 -4.18
N THR A 17 -3.02 7.77 -3.79
CA THR A 17 -2.59 8.08 -2.40
C THR A 17 -3.04 7.04 -1.36
N PHE A 18 -3.37 5.82 -1.83
CA PHE A 18 -3.78 4.72 -0.94
C PHE A 18 -3.53 3.37 -1.61
N CYS A 19 -3.25 2.35 -0.79
CA CYS A 19 -2.99 0.99 -1.28
C CYS A 19 -4.23 0.12 -1.12
N PHE A 20 -4.63 -0.55 -2.20
CA PHE A 20 -5.80 -1.42 -2.19
C PHE A 20 -5.42 -2.89 -2.53
N PRO A 21 -6.25 -3.92 -2.17
CA PRO A 21 -5.95 -5.32 -2.48
C PRO A 21 -6.26 -5.71 -3.92
N ASP A 22 -5.32 -6.44 -4.53
CA ASP A 22 -5.42 -6.92 -5.91
C ASP A 22 -4.34 -7.97 -6.18
N ASP A 23 -3.09 -7.65 -5.84
CA ASP A 23 -1.96 -8.54 -6.03
C ASP A 23 -1.48 -9.12 -4.68
N ASP A 24 -2.31 -8.98 -3.64
CA ASP A 24 -1.98 -9.48 -2.30
C ASP A 24 -2.18 -11.01 -2.20
N TYR A 25 -1.07 -11.75 -2.33
CA TYR A 25 -1.09 -13.20 -2.26
C TYR A 25 -0.71 -13.68 -0.86
N PHE A 1 18.82 -1.52 -5.89
CA PHE A 1 18.05 -1.25 -4.66
C PHE A 1 18.69 -1.94 -3.45
N GLY A 2 18.68 -1.25 -2.31
CA GLY A 2 19.26 -1.78 -1.09
C GLY A 2 18.20 -2.15 -0.06
N VAL A 3 17.80 -1.15 0.74
CA VAL A 3 16.79 -1.35 1.79
C VAL A 3 15.84 -0.16 1.86
N ARG A 4 14.55 -0.44 1.65
CA ARG A 4 13.50 0.59 1.69
C ARG A 4 12.36 0.18 2.60
N VAL A 5 11.76 1.17 3.27
CA VAL A 5 10.65 0.93 4.20
C VAL A 5 9.50 1.90 3.94
N GLY A 6 8.33 1.34 3.62
CA GLY A 6 7.14 2.15 3.35
C GLY A 6 6.07 1.99 4.40
N THR A 7 4.83 2.30 4.04
CA THR A 7 3.69 2.21 4.96
C THR A 7 2.83 0.96 4.66
N CYS A 8 2.65 0.67 3.37
CA CYS A 8 1.86 -0.48 2.94
C CYS A 8 2.75 -1.72 2.70
N PRO A 9 2.20 -2.96 2.90
CA PRO A 9 2.98 -4.21 2.69
C PRO A 9 3.37 -4.45 1.22
N SER A 10 4.31 -5.37 1.00
CA SER A 10 4.79 -5.70 -0.35
C SER A 10 3.81 -6.60 -1.09
N GLY A 11 3.65 -6.34 -2.40
CA GLY A 11 2.75 -7.11 -3.24
C GLY A 11 1.37 -6.46 -3.36
N TYR A 12 1.29 -5.18 -3.01
CA TYR A 12 0.04 -4.42 -3.08
C TYR A 12 0.07 -3.39 -4.20
N VAL A 13 -1.11 -2.88 -4.57
CA VAL A 13 -1.21 -1.87 -5.63
C VAL A 13 -1.36 -0.47 -4.99
N ARG A 14 -0.33 0.37 -5.17
CA ARG A 14 -0.32 1.72 -4.61
C ARG A 14 -0.68 2.74 -5.68
N ARG A 15 -1.95 3.16 -5.67
CA ARG A 15 -2.45 4.15 -6.65
C ARG A 15 -3.60 4.97 -6.05
N GLY A 16 -3.55 6.29 -6.27
CA GLY A 16 -4.58 7.19 -5.76
C GLY A 16 -4.38 7.55 -4.29
N THR A 17 -3.12 7.83 -3.92
CA THR A 17 -2.70 8.21 -2.54
C THR A 17 -3.10 7.17 -1.47
N PHE A 18 -3.38 5.93 -1.90
CA PHE A 18 -3.75 4.83 -0.98
C PHE A 18 -3.52 3.47 -1.65
N CYS A 19 -3.18 2.47 -0.83
CA CYS A 19 -2.93 1.11 -1.31
C CYS A 19 -4.16 0.23 -1.08
N PHE A 20 -4.53 -0.55 -2.10
CA PHE A 20 -5.68 -1.45 -2.02
C PHE A 20 -5.29 -2.90 -2.38
N PRO A 21 -6.11 -3.95 -1.99
CA PRO A 21 -5.80 -5.34 -2.32
C PRO A 21 -6.19 -5.72 -3.74
N ASP A 22 -5.28 -6.43 -4.41
CA ASP A 22 -5.46 -6.89 -5.79
C ASP A 22 -4.42 -7.97 -6.13
N ASP A 23 -3.15 -7.66 -5.86
CA ASP A 23 -2.04 -8.58 -6.11
C ASP A 23 -1.68 -9.36 -4.83
N ASP A 24 -2.18 -8.89 -3.68
CA ASP A 24 -1.93 -9.54 -2.40
C ASP A 24 -3.25 -9.81 -1.66
N TYR A 25 -3.65 -11.09 -1.65
CA TYR A 25 -4.88 -11.51 -0.98
C TYR A 25 -4.59 -12.06 0.41
#